data_5OMS
#
_entry.id   5OMS
#
_cell.length_a   104.280
_cell.length_b   104.280
_cell.length_c   114.620
_cell.angle_alpha   90.00
_cell.angle_beta   90.00
_cell.angle_gamma   90.00
#
_symmetry.space_group_name_H-M   'P 43 21 2'
#
loop_
_entity.id
_entity.type
_entity.pdbx_description
1 polymer 'Cytochrome P450'
2 non-polymer 'PROTOPORPHYRIN IX CONTAINING FE'
3 non-polymer 2-ethoxyphenol
4 water water
#
_entity_poly.entity_id   1
_entity_poly.type   'polypeptide(L)'
_entity_poly.pdbx_seq_one_letter_code
;GPMTTTERPDLAWLDEVTMTQLERNPYEVYERLRAEAPLAFVPVLGSYVASTAEVCREVATSPDFEAVITPAGGRTFGHP
AIIGVNGDIHADLRSMVEPALQPAEVDRWIDDLVRPIARRYLERFENDGHAELVAQYCEPVSVRSLGDLLGLQEVDSDKL
REWFAKLNRSFTNAAVDENGEFANPEGFAEGDQAKAEIRAVVDPLIDKWIEHPDDSAISHWLHDGMPPGQTRDREYIYPT
IYVYLLGAMQEPGHGMASTLVGLFSRPEQLEEVVDDPTLIPRAIAEGLRWTSPIWSATARISTKPVTIAGVDLPAGTPVM
LSYGSANHDTGKYEAPSQYDLHRPPLPHLAFGAGNHACAGIYFANHVMRIALEELFEAIPNLERDTREGVEFWGWGFRGP
TSLHVTWEV
;
_entity_poly.pdbx_strand_id   A
#
# COMPACT_ATOMS: atom_id res chain seq x y z
N GLU A 7 -23.71 18.43 -6.78
CA GLU A 7 -25.13 18.13 -6.94
C GLU A 7 -25.81 17.92 -5.58
N ARG A 8 -25.11 17.34 -4.58
CA ARG A 8 -25.73 17.24 -3.25
C ARG A 8 -25.57 18.58 -2.53
N PRO A 9 -26.68 19.30 -2.27
CA PRO A 9 -26.55 20.72 -1.87
C PRO A 9 -25.75 20.94 -0.59
N ASP A 10 -26.01 20.16 0.46
CA ASP A 10 -25.34 20.47 1.73
C ASP A 10 -23.85 20.16 1.69
N LEU A 11 -23.37 19.46 0.66
CA LEU A 11 -21.95 19.17 0.51
C LEU A 11 -21.26 20.11 -0.48
N ALA A 12 -21.86 21.28 -0.74
CA ALA A 12 -21.26 22.22 -1.69
C ALA A 12 -19.82 22.56 -1.32
N TRP A 13 -19.47 22.49 -0.02
CA TRP A 13 -18.10 22.78 0.39
C TRP A 13 -17.10 21.83 -0.26
N LEU A 14 -17.53 20.61 -0.61
CA LEU A 14 -16.61 19.68 -1.26
C LEU A 14 -16.11 20.19 -2.60
N ASP A 15 -16.83 21.12 -3.23
CA ASP A 15 -16.36 21.67 -4.49
C ASP A 15 -15.07 22.46 -4.34
N GLU A 16 -14.74 22.90 -3.14
CA GLU A 16 -13.52 23.69 -2.92
C GLU A 16 -12.39 22.85 -2.35
N VAL A 17 -12.58 21.55 -2.21
CA VAL A 17 -11.53 20.66 -1.75
C VAL A 17 -10.58 20.38 -2.92
N THR A 18 -9.28 20.50 -2.66
CA THR A 18 -8.30 20.37 -3.73
C THR A 18 -7.52 19.06 -3.61
N MET A 19 -6.89 18.68 -4.68
CA MET A 19 -6.10 17.47 -4.70
C MET A 19 -4.91 17.66 -3.78
N THR A 20 -4.30 18.81 -3.84
CA THR A 20 -3.13 19.05 -3.00
C THR A 20 -3.49 18.98 -1.52
N GLN A 21 -4.67 19.50 -1.15
CA GLN A 21 -5.13 19.39 0.24
C GLN A 21 -5.22 17.93 0.67
N LEU A 22 -5.83 17.09 -0.17
CA LEU A 22 -6.02 15.68 0.18
C LEU A 22 -4.70 14.97 0.26
N GLU A 23 -3.76 15.32 -0.62
CA GLU A 23 -2.43 14.72 -0.57
C GLU A 23 -1.69 15.13 0.71
N ARG A 24 -1.77 16.41 1.09
CA ARG A 24 -0.99 16.83 2.24
C ARG A 24 -1.59 16.30 3.53
N ASN A 25 -2.91 16.37 3.67
CA ASN A 25 -3.55 15.79 4.85
C ASN A 25 -5.03 15.64 4.55
N PRO A 26 -5.48 14.41 4.29
CA PRO A 26 -6.90 14.18 3.96
C PRO A 26 -7.79 14.02 5.18
N TYR A 27 -7.23 14.05 6.39
CA TYR A 27 -8.00 13.61 7.55
C TYR A 27 -9.07 14.62 7.97
N GLU A 28 -8.84 15.93 7.78
CA GLU A 28 -9.89 16.88 8.17
C GLU A 28 -11.10 16.76 7.25
N VAL A 29 -10.86 16.71 5.94
CA VAL A 29 -11.95 16.52 4.99
C VAL A 29 -12.68 15.21 5.28
N TYR A 30 -11.93 14.14 5.53
CA TYR A 30 -12.60 12.85 5.71
C TYR A 30 -13.33 12.77 7.06
N GLU A 31 -12.87 13.51 8.07
CA GLU A 31 -13.63 13.55 9.31
C GLU A 31 -15.01 14.14 9.06
N ARG A 32 -15.07 15.22 8.26
CA ARG A 32 -16.35 15.78 7.84
C ARG A 32 -17.17 14.76 7.04
N LEU A 33 -16.53 14.07 6.09
CA LEU A 33 -17.25 13.09 5.28
C LEU A 33 -17.87 12.00 6.16
N ARG A 34 -17.10 11.45 7.10
CA ARG A 34 -17.64 10.37 7.93
C ARG A 34 -18.88 10.84 8.69
N ALA A 35 -18.91 12.12 9.09
CA ALA A 35 -20.08 12.63 9.80
C ALA A 35 -21.20 13.05 8.86
N GLU A 36 -20.85 13.64 7.71
CA GLU A 36 -21.89 14.25 6.86
C GLU A 36 -22.42 13.28 5.80
N ALA A 37 -21.56 12.43 5.24
CA ALA A 37 -21.95 11.64 4.09
C ALA A 37 -20.97 10.48 3.95
N PRO A 38 -21.17 9.39 4.70
CA PRO A 38 -20.28 8.23 4.59
C PRO A 38 -20.06 7.72 3.18
N LEU A 39 -20.99 8.00 2.26
CA LEU A 39 -20.79 7.78 0.84
C LEU A 39 -21.03 9.13 0.17
N ALA A 40 -20.00 9.67 -0.48
CA ALA A 40 -20.09 11.04 -0.98
C ALA A 40 -19.33 11.17 -2.29
N PHE A 41 -19.89 11.93 -3.23
CA PHE A 41 -19.19 12.23 -4.48
C PHE A 41 -18.23 13.39 -4.24
N VAL A 42 -16.94 13.16 -4.48
CA VAL A 42 -15.92 14.18 -4.24
C VAL A 42 -15.54 14.77 -5.60
N PRO A 43 -15.89 16.03 -5.89
CA PRO A 43 -15.71 16.54 -7.26
C PRO A 43 -14.29 16.42 -7.81
N VAL A 44 -13.26 16.83 -7.05
CA VAL A 44 -11.91 16.79 -7.63
C VAL A 44 -11.45 15.36 -7.92
N LEU A 45 -12.01 14.36 -7.24
CA LEU A 45 -11.70 12.95 -7.50
C LEU A 45 -12.58 12.34 -8.57
N GLY A 46 -13.66 13.01 -8.95
CA GLY A 46 -14.56 12.49 -9.96
C GLY A 46 -15.27 11.21 -9.58
N SER A 47 -15.42 10.92 -8.29
CA SER A 47 -15.97 9.62 -7.92
C SER A 47 -16.63 9.69 -6.54
N TYR A 48 -17.59 8.79 -6.31
CA TYR A 48 -18.04 8.54 -4.94
C TYR A 48 -16.89 7.97 -4.13
N VAL A 49 -16.82 8.35 -2.85
CA VAL A 49 -15.85 7.77 -1.94
C VAL A 49 -16.57 7.28 -0.70
N ALA A 50 -16.15 6.13 -0.20
CA ALA A 50 -16.62 5.54 1.04
C ALA A 50 -15.64 5.91 2.14
N SER A 51 -16.13 6.56 3.21
CA SER A 51 -15.23 7.08 4.24
C SER A 51 -15.33 6.37 5.58
N THR A 52 -16.39 5.62 5.85
CA THR A 52 -16.53 4.97 7.14
C THR A 52 -16.19 3.48 7.04
N ALA A 53 -15.93 2.88 8.21
CA ALA A 53 -15.66 1.44 8.24
C ALA A 53 -16.85 0.64 7.75
N GLU A 54 -18.06 1.02 8.17
CA GLU A 54 -19.25 0.26 7.76
C GLU A 54 -19.45 0.31 6.25
N VAL A 55 -19.32 1.48 5.64
CA VAL A 55 -19.57 1.59 4.20
C VAL A 55 -18.45 0.94 3.40
N CYS A 56 -17.18 1.17 3.78
CA CYS A 56 -16.07 0.52 3.07
C CYS A 56 -16.22 -1.00 3.10
N ARG A 57 -16.51 -1.55 4.28
CA ARG A 57 -16.66 -2.99 4.39
C ARG A 57 -17.85 -3.49 3.58
N GLU A 58 -18.98 -2.79 3.67
CA GLU A 58 -20.15 -3.19 2.91
C GLU A 58 -19.86 -3.23 1.42
N VAL A 59 -19.24 -2.17 0.89
CA VAL A 59 -18.96 -2.11 -0.53
C VAL A 59 -17.92 -3.15 -0.93
N ALA A 60 -16.88 -3.33 -0.12
CA ALA A 60 -15.82 -4.28 -0.44
C ALA A 60 -16.30 -5.73 -0.44
N THR A 61 -17.37 -6.03 0.27
CA THR A 61 -17.84 -7.41 0.37
C THR A 61 -19.20 -7.63 -0.26
N SER A 62 -19.78 -6.60 -0.88
CA SER A 62 -21.15 -6.73 -1.36
C SER A 62 -21.21 -7.62 -2.59
N PRO A 63 -22.21 -8.49 -2.70
CA PRO A 63 -22.39 -9.23 -3.97
C PRO A 63 -22.85 -8.36 -5.12
N ASP A 64 -23.27 -7.11 -4.86
CA ASP A 64 -23.70 -6.20 -5.90
C ASP A 64 -22.59 -5.27 -6.38
N PHE A 65 -21.36 -5.52 -6.00
CA PHE A 65 -20.19 -4.74 -6.42
C PHE A 65 -19.12 -5.71 -6.90
N GLU A 66 -18.24 -5.25 -7.75
CA GLU A 66 -17.08 -5.98 -8.20
C GLU A 66 -15.88 -5.04 -8.27
N ALA A 67 -14.68 -5.56 -8.45
CA ALA A 67 -13.52 -4.67 -8.47
C ALA A 67 -13.55 -3.78 -9.69
N VAL A 68 -13.01 -2.57 -9.53
CA VAL A 68 -12.73 -1.66 -10.64
C VAL A 68 -11.46 -0.91 -10.26
N ILE A 69 -10.59 -0.71 -11.23
CA ILE A 69 -9.41 0.11 -10.98
C ILE A 69 -9.81 1.58 -11.06
N THR A 70 -9.19 2.45 -10.24
CA THR A 70 -9.47 3.88 -10.37
C THR A 70 -9.06 4.36 -11.76
N PRO A 71 -9.58 5.53 -12.17
CA PRO A 71 -9.22 6.03 -13.52
C PRO A 71 -7.73 6.21 -13.71
N ALA A 72 -7.05 6.87 -12.77
CA ALA A 72 -5.61 7.10 -12.92
C ALA A 72 -4.85 5.80 -12.72
N GLY A 73 -5.40 4.91 -11.89
CA GLY A 73 -4.81 3.59 -11.77
C GLY A 73 -4.86 2.82 -13.06
N GLY A 74 -6.01 2.84 -13.75
CA GLY A 74 -6.12 2.16 -15.02
C GLY A 74 -5.22 2.79 -16.09
N ARG A 75 -5.19 4.12 -16.14
CA ARG A 75 -4.28 4.79 -17.06
C ARG A 75 -2.84 4.37 -16.78
N THR A 76 -2.52 4.08 -15.53
CA THR A 76 -1.15 3.72 -15.20
C THR A 76 -0.86 2.25 -15.47
N PHE A 77 -1.77 1.33 -15.07
CA PHE A 77 -1.48 -0.10 -15.12
C PHE A 77 -2.07 -0.83 -16.33
N GLY A 78 -3.14 -0.31 -16.93
CA GLY A 78 -3.77 -1.06 -18.02
C GLY A 78 -4.49 -2.32 -17.52
N HIS A 79 -4.54 -3.33 -18.38
CA HIS A 79 -5.31 -4.56 -18.15
C HIS A 79 -4.40 -5.76 -18.39
N PRO A 80 -4.50 -6.85 -17.60
CA PRO A 80 -5.45 -7.07 -16.50
C PRO A 80 -4.76 -6.87 -15.15
N ALA A 81 -4.88 -5.70 -14.55
CA ALA A 81 -4.30 -5.52 -13.22
C ALA A 81 -5.11 -6.36 -12.24
N ILE A 82 -4.43 -7.10 -11.36
CA ILE A 82 -5.18 -8.01 -10.47
C ILE A 82 -6.21 -7.24 -9.67
N ILE A 83 -5.91 -5.97 -9.35
CA ILE A 83 -6.84 -5.16 -8.54
C ILE A 83 -8.08 -4.75 -9.33
N GLY A 84 -8.06 -4.87 -10.64
CA GLY A 84 -9.12 -4.26 -11.44
C GLY A 84 -9.96 -5.25 -12.23
N VAL A 85 -9.76 -6.54 -12.05
CA VAL A 85 -10.46 -7.56 -12.83
C VAL A 85 -11.23 -8.50 -11.88
N ASN A 86 -12.10 -9.32 -12.45
CA ASN A 86 -13.01 -10.19 -11.70
C ASN A 86 -13.16 -11.52 -12.43
N GLY A 87 -14.08 -12.35 -11.95
CA GLY A 87 -14.40 -13.57 -12.67
C GLY A 87 -13.20 -14.48 -12.90
N ASP A 88 -13.16 -15.11 -14.08
CA ASP A 88 -12.14 -16.12 -14.34
C ASP A 88 -10.74 -15.52 -14.37
N ILE A 89 -10.58 -14.32 -14.92
CA ILE A 89 -9.24 -13.73 -14.96
C ILE A 89 -8.73 -13.49 -13.56
N HIS A 90 -9.56 -12.90 -12.70
CA HIS A 90 -9.14 -12.69 -11.32
C HIS A 90 -8.79 -13.99 -10.62
N ALA A 91 -9.61 -15.03 -10.80
CA ALA A 91 -9.30 -16.30 -10.18
C ALA A 91 -7.95 -16.82 -10.64
N ASP A 92 -7.66 -16.71 -11.94
CA ASP A 92 -6.35 -17.15 -12.41
C ASP A 92 -5.23 -16.31 -11.80
N LEU A 93 -5.38 -14.99 -11.80
CA LEU A 93 -4.31 -14.14 -11.28
C LEU A 93 -4.12 -14.37 -9.78
N ARG A 94 -5.21 -14.60 -9.03
CA ARG A 94 -5.06 -14.98 -7.64
C ARG A 94 -4.33 -16.32 -7.51
N SER A 95 -4.67 -17.29 -8.35
CA SER A 95 -3.97 -18.57 -8.25
C SER A 95 -2.49 -18.41 -8.60
N MET A 96 -2.19 -17.46 -9.48
CA MET A 96 -0.81 -17.18 -9.87
C MET A 96 0.02 -16.61 -8.72
N VAL A 97 -0.51 -15.65 -7.98
CA VAL A 97 0.31 -14.98 -6.95
C VAL A 97 0.27 -15.68 -5.61
N GLU A 98 -0.74 -16.49 -5.33
CA GLU A 98 -0.93 -16.98 -3.96
C GLU A 98 0.11 -17.98 -3.45
N PRO A 99 0.73 -18.85 -4.29
CA PRO A 99 1.63 -19.86 -3.71
C PRO A 99 2.74 -19.33 -2.82
N ALA A 100 3.50 -18.34 -3.26
CA ALA A 100 4.58 -17.82 -2.43
C ALA A 100 4.05 -17.03 -1.21
N LEU A 101 2.78 -16.65 -1.20
CA LEU A 101 2.20 -15.88 -0.10
C LEU A 101 1.49 -16.75 0.92
N GLN A 102 1.41 -18.06 0.68
CA GLN A 102 0.75 -18.94 1.62
C GLN A 102 1.49 -18.93 2.96
N PRO A 103 0.78 -18.85 4.08
CA PRO A 103 1.48 -18.73 5.38
C PRO A 103 2.49 -19.83 5.66
N ALA A 104 2.14 -21.08 5.37
CA ALA A 104 3.07 -22.18 5.61
C ALA A 104 4.31 -22.04 4.73
N GLU A 105 4.15 -21.50 3.52
CA GLU A 105 5.30 -21.29 2.65
C GLU A 105 6.14 -20.12 3.14
N VAL A 106 5.50 -18.99 3.49
CA VAL A 106 6.24 -17.83 4.01
C VAL A 106 7.10 -18.23 5.21
N ASP A 107 6.52 -19.01 6.13
CA ASP A 107 7.24 -19.40 7.33
C ASP A 107 8.49 -20.23 7.05
N ARG A 108 8.58 -20.88 5.88
CA ARG A 108 9.76 -21.66 5.56
C ARG A 108 10.99 -20.79 5.30
N TRP A 109 10.82 -19.59 4.73
CA TRP A 109 12.00 -18.85 4.29
C TRP A 109 12.02 -17.36 4.65
N ILE A 110 11.00 -16.83 5.32
CA ILE A 110 10.93 -15.38 5.47
C ILE A 110 12.08 -14.86 6.34
N ASP A 111 12.47 -15.63 7.36
CA ASP A 111 13.53 -15.17 8.25
C ASP A 111 14.86 -15.07 7.52
N ASP A 112 15.24 -16.14 6.82
CA ASP A 112 16.47 -16.12 6.03
C ASP A 112 16.44 -15.12 4.89
N LEU A 113 15.25 -14.68 4.47
CA LEU A 113 15.19 -13.64 3.44
C LEU A 113 15.39 -12.25 4.05
N VAL A 114 14.56 -11.88 5.01
CA VAL A 114 14.50 -10.48 5.43
C VAL A 114 15.62 -10.15 6.42
N ARG A 115 15.92 -11.06 7.35
CA ARG A 115 16.86 -10.72 8.41
C ARG A 115 18.25 -10.36 7.89
N PRO A 116 18.87 -11.12 6.98
CA PRO A 116 20.20 -10.67 6.47
C PRO A 116 20.12 -9.38 5.67
N ILE A 117 19.00 -9.13 4.99
CA ILE A 117 18.82 -7.87 4.29
C ILE A 117 18.76 -6.72 5.28
N ALA A 118 17.95 -6.87 6.34
CA ALA A 118 17.88 -5.85 7.38
C ALA A 118 19.27 -5.55 7.94
N ARG A 119 20.03 -6.60 8.25
CA ARG A 119 21.36 -6.40 8.81
C ARG A 119 22.26 -5.67 7.83
N ARG A 120 22.17 -6.00 6.54
CA ARG A 120 23.03 -5.37 5.54
C ARG A 120 22.81 -3.87 5.50
N TYR A 121 21.54 -3.44 5.49
CA TYR A 121 21.31 -2.00 5.45
C TYR A 121 21.66 -1.34 6.77
N LEU A 122 21.37 -2.00 7.89
CA LEU A 122 21.75 -1.44 9.19
C LEU A 122 23.25 -1.24 9.32
N GLU A 123 24.05 -2.18 8.80
CA GLU A 123 25.49 -2.08 8.96
C GLU A 123 26.04 -0.81 8.33
N ARG A 124 25.34 -0.24 7.36
CA ARG A 124 25.82 0.97 6.70
C ARG A 124 25.73 2.22 7.57
N PHE A 125 24.87 2.23 8.60
CA PHE A 125 24.68 3.45 9.36
C PHE A 125 24.59 3.28 10.86
N GLU A 126 24.57 2.06 11.39
CA GLU A 126 24.20 1.86 12.79
C GLU A 126 25.20 2.46 13.78
N ASN A 127 26.40 2.84 13.33
CA ASN A 127 27.35 3.50 14.20
C ASN A 127 27.44 5.00 13.94
N ASP A 128 26.59 5.54 13.07
CA ASP A 128 26.68 6.94 12.70
C ASP A 128 26.13 7.87 13.76
N GLY A 129 25.12 7.43 14.53
CA GLY A 129 24.45 8.30 15.46
C GLY A 129 23.34 9.14 14.85
N HIS A 130 23.12 9.02 13.55
CA HIS A 130 22.09 9.78 12.85
C HIS A 130 21.73 9.03 11.58
N ALA A 131 20.47 9.14 11.18
CA ALA A 131 20.03 8.50 9.96
C ALA A 131 18.66 9.03 9.60
N GLU A 132 18.33 8.92 8.33
CA GLU A 132 16.99 9.18 7.83
C GLU A 132 16.44 7.80 7.45
N LEU A 133 15.57 7.25 8.29
CA LEU A 133 15.25 5.83 8.21
C LEU A 133 14.39 5.46 7.01
N VAL A 134 13.66 6.40 6.40
CA VAL A 134 12.84 6.01 5.26
C VAL A 134 13.74 5.61 4.10
N ALA A 135 14.70 6.48 3.76
CA ALA A 135 15.58 6.22 2.62
C ALA A 135 16.69 5.24 2.96
N GLN A 136 17.17 5.24 4.20
CA GLN A 136 18.32 4.41 4.55
C GLN A 136 17.92 3.03 5.05
N TYR A 137 16.66 2.80 5.41
CA TYR A 137 16.33 1.52 6.01
C TYR A 137 14.96 0.98 5.61
N CYS A 138 13.88 1.74 5.85
CA CYS A 138 12.55 1.15 5.64
C CYS A 138 12.30 0.81 4.18
N GLU A 139 12.53 1.77 3.27
CA GLU A 139 12.33 1.46 1.85
C GLU A 139 13.32 0.41 1.35
N PRO A 140 14.64 0.54 1.57
CA PRO A 140 15.56 -0.49 1.07
C PRO A 140 15.20 -1.90 1.51
N VAL A 141 14.88 -2.10 2.80
CA VAL A 141 14.53 -3.45 3.28
C VAL A 141 13.29 -3.96 2.57
N SER A 142 12.29 -3.10 2.43
CA SER A 142 11.05 -3.52 1.78
C SER A 142 11.31 -3.95 0.35
N VAL A 143 12.04 -3.15 -0.43
CA VAL A 143 12.18 -3.43 -1.86
C VAL A 143 13.18 -4.55 -2.11
N ARG A 144 14.24 -4.62 -1.31
CA ARG A 144 15.23 -5.68 -1.49
C ARG A 144 14.63 -7.03 -1.15
N SER A 145 13.80 -7.08 -0.12
CA SER A 145 13.13 -8.33 0.24
C SER A 145 12.21 -8.80 -0.88
N LEU A 146 11.33 -7.93 -1.34
CA LEU A 146 10.39 -8.35 -2.38
C LEU A 146 11.11 -8.58 -3.71
N GLY A 147 12.05 -7.68 -4.04
CA GLY A 147 12.80 -7.82 -5.29
C GLY A 147 13.48 -9.17 -5.40
N ASP A 148 14.11 -9.63 -4.31
CA ASP A 148 14.77 -10.93 -4.35
C ASP A 148 13.76 -12.05 -4.53
N LEU A 149 12.64 -11.98 -3.80
CA LEU A 149 11.59 -12.99 -3.94
C LEU A 149 11.07 -13.06 -5.36
N LEU A 150 10.90 -11.91 -6.01
CA LEU A 150 10.36 -11.88 -7.37
C LEU A 150 11.33 -12.41 -8.41
N GLY A 151 12.63 -12.32 -8.13
CA GLY A 151 13.66 -12.62 -9.12
C GLY A 151 14.36 -11.40 -9.66
N LEU A 152 14.19 -10.24 -9.03
CA LEU A 152 14.84 -8.99 -9.43
C LEU A 152 16.09 -8.71 -8.62
N GLN A 153 16.87 -9.75 -8.29
CA GLN A 153 18.08 -9.56 -7.49
C GLN A 153 19.02 -8.54 -8.11
N GLU A 154 19.06 -8.44 -9.43
CA GLU A 154 20.03 -7.57 -10.07
C GLU A 154 19.56 -6.14 -10.20
N VAL A 155 18.34 -5.82 -9.78
CA VAL A 155 17.84 -4.45 -9.80
C VAL A 155 18.14 -3.81 -8.46
N ASP A 156 18.99 -2.78 -8.46
CA ASP A 156 19.42 -2.15 -7.21
C ASP A 156 18.22 -1.54 -6.49
N SER A 157 18.34 -1.46 -5.16
CA SER A 157 17.22 -0.96 -4.35
C SER A 157 16.89 0.50 -4.66
N ASP A 158 17.90 1.30 -5.06
CA ASP A 158 17.60 2.69 -5.42
C ASP A 158 16.69 2.76 -6.65
N LYS A 159 16.85 1.82 -7.58
CA LYS A 159 16.01 1.78 -8.78
C LYS A 159 14.61 1.30 -8.44
N LEU A 160 14.49 0.27 -7.60
CA LEU A 160 13.16 -0.19 -7.20
C LEU A 160 12.40 0.91 -6.47
N ARG A 161 13.11 1.70 -5.65
CA ARG A 161 12.48 2.79 -4.94
C ARG A 161 12.04 3.90 -5.88
N GLU A 162 12.88 4.21 -6.88
CA GLU A 162 12.50 5.22 -7.86
C GLU A 162 11.27 4.79 -8.65
N TRP A 163 11.21 3.51 -9.02
CA TRP A 163 10.06 3.02 -9.77
C TRP A 163 8.76 3.11 -8.95
N PHE A 164 8.79 2.68 -7.68
CA PHE A 164 7.52 2.73 -6.98
C PHE A 164 7.09 4.17 -6.69
N ALA A 165 8.05 5.10 -6.58
CA ALA A 165 7.69 6.50 -6.39
C ALA A 165 7.02 7.07 -7.64
N LYS A 166 7.57 6.78 -8.82
CA LYS A 166 6.96 7.27 -10.06
C LYS A 166 5.60 6.62 -10.32
N LEU A 167 5.49 5.31 -10.09
CA LEU A 167 4.21 4.65 -10.27
C LEU A 167 3.17 5.17 -9.28
N ASN A 168 3.62 5.45 -8.04
CA ASN A 168 2.73 6.03 -7.03
C ASN A 168 2.10 7.32 -7.55
N ARG A 169 2.94 8.25 -8.00
CA ARG A 169 2.44 9.56 -8.41
C ARG A 169 1.55 9.46 -9.65
N SER A 170 1.89 8.55 -10.57
CA SER A 170 1.03 8.37 -11.75
C SER A 170 -0.29 7.72 -11.36
N PHE A 171 -0.23 6.66 -10.55
CA PHE A 171 -1.44 5.93 -10.14
C PHE A 171 -2.42 6.82 -9.38
N THR A 172 -1.91 7.74 -8.55
CA THR A 172 -2.74 8.63 -7.74
C THR A 172 -2.92 10.00 -8.39
N ASN A 173 -2.65 10.11 -9.69
CA ASN A 173 -2.78 11.36 -10.42
C ASN A 173 -4.26 11.57 -10.77
N ALA A 174 -5.09 11.61 -9.73
CA ALA A 174 -6.53 11.39 -9.85
C ALA A 174 -7.33 12.66 -10.12
N ALA A 175 -6.72 13.84 -10.04
CA ALA A 175 -7.51 15.07 -10.03
C ALA A 175 -8.23 15.25 -11.36
N VAL A 176 -9.50 15.65 -11.31
CA VAL A 176 -10.23 15.91 -12.53
C VAL A 176 -10.70 17.36 -12.54
N ASP A 177 -10.89 17.89 -13.75
CA ASP A 177 -11.23 19.30 -13.87
C ASP A 177 -12.76 19.45 -13.92
N GLU A 178 -13.21 20.65 -14.29
CA GLU A 178 -14.63 20.97 -14.29
C GLU A 178 -15.42 20.13 -15.28
N ASN A 179 -14.76 19.49 -16.25
CA ASN A 179 -15.44 18.63 -17.22
C ASN A 179 -15.27 17.16 -16.93
N GLY A 180 -14.74 16.80 -15.76
CA GLY A 180 -14.50 15.40 -15.46
C GLY A 180 -13.29 14.79 -16.15
N GLU A 181 -12.49 15.58 -16.85
CA GLU A 181 -11.27 15.11 -17.50
C GLU A 181 -10.08 15.25 -16.55
N PHE A 182 -9.05 14.41 -16.77
CA PHE A 182 -7.87 14.49 -15.92
C PHE A 182 -7.30 15.90 -15.98
N ALA A 183 -7.15 16.52 -14.81
CA ALA A 183 -6.65 17.89 -14.76
C ALA A 183 -5.16 17.97 -15.06
N ASN A 184 -4.43 16.88 -14.89
CA ASN A 184 -2.97 16.88 -14.92
C ASN A 184 -2.45 15.76 -15.80
N PRO A 185 -2.79 15.75 -17.08
CA PRO A 185 -2.41 14.58 -17.92
C PRO A 185 -0.91 14.40 -18.05
N GLU A 186 -0.13 15.46 -17.85
CA GLU A 186 1.31 15.31 -17.88
C GLU A 186 1.81 14.47 -16.71
N GLY A 187 1.00 14.33 -15.65
CA GLY A 187 1.45 13.55 -14.50
C GLY A 187 1.53 12.06 -14.74
N PHE A 188 1.02 11.58 -15.87
CA PHE A 188 1.16 10.17 -16.20
C PHE A 188 2.48 9.82 -16.89
N ALA A 189 3.19 10.83 -17.39
CA ALA A 189 4.37 10.57 -18.22
C ALA A 189 5.44 9.83 -17.42
N GLU A 190 5.60 10.17 -16.15
CA GLU A 190 6.63 9.49 -15.38
C GLU A 190 6.21 8.07 -15.02
N GLY A 191 4.92 7.78 -14.94
CA GLY A 191 4.50 6.39 -14.89
C GLY A 191 4.85 5.64 -16.17
N ASP A 192 4.61 6.27 -17.32
CA ASP A 192 4.94 5.63 -18.59
C ASP A 192 6.44 5.41 -18.72
N GLN A 193 7.25 6.36 -18.25
CA GLN A 193 8.69 6.17 -18.31
C GLN A 193 9.15 5.06 -17.38
N ALA A 194 8.57 4.97 -16.19
CA ALA A 194 8.91 3.87 -15.30
C ALA A 194 8.60 2.52 -15.94
N LYS A 195 7.40 2.39 -16.52
CA LYS A 195 7.03 1.16 -17.20
C LYS A 195 8.00 0.83 -18.33
N ALA A 196 8.43 1.85 -19.10
CA ALA A 196 9.37 1.59 -20.18
C ALA A 196 10.70 1.06 -19.64
N GLU A 197 11.19 1.63 -18.54
CA GLU A 197 12.41 1.13 -17.92
C GLU A 197 12.22 -0.28 -17.39
N ILE A 198 11.07 -0.55 -16.76
CA ILE A 198 10.81 -1.87 -16.22
C ILE A 198 10.81 -2.90 -17.33
N ARG A 199 10.16 -2.59 -18.47
CA ARG A 199 10.15 -3.52 -19.60
C ARG A 199 11.56 -3.82 -20.07
N ALA A 200 12.40 -2.80 -20.14
CA ALA A 200 13.77 -3.01 -20.61
C ALA A 200 14.51 -3.98 -19.70
N VAL A 201 14.26 -3.89 -18.40
CA VAL A 201 14.95 -4.74 -17.42
C VAL A 201 14.32 -6.12 -17.36
N VAL A 202 12.99 -6.18 -17.39
CA VAL A 202 12.31 -7.44 -17.08
C VAL A 202 12.08 -8.32 -18.31
N ASP A 203 11.94 -7.73 -19.50
CA ASP A 203 11.74 -8.57 -20.68
C ASP A 203 12.87 -9.58 -20.87
N PRO A 204 14.16 -9.23 -20.74
CA PRO A 204 15.19 -10.28 -20.81
C PRO A 204 15.08 -11.32 -19.71
N LEU A 205 14.63 -10.94 -18.52
CA LEU A 205 14.47 -11.91 -17.45
C LEU A 205 13.36 -12.90 -17.77
N ILE A 206 12.24 -12.40 -18.30
CA ILE A 206 11.15 -13.29 -18.72
C ILE A 206 11.61 -14.18 -19.86
N ASP A 207 12.34 -13.62 -20.83
CA ASP A 207 12.93 -14.44 -21.90
C ASP A 207 13.65 -15.65 -21.32
N LYS A 208 14.47 -15.41 -20.29
CA LYS A 208 15.26 -16.47 -19.69
C LYS A 208 14.39 -17.43 -18.89
N TRP A 209 13.44 -16.90 -18.10
CA TRP A 209 12.63 -17.77 -17.26
C TRP A 209 11.72 -18.69 -18.08
N ILE A 210 11.25 -18.21 -19.24
CA ILE A 210 10.42 -19.08 -20.09
C ILE A 210 11.18 -20.36 -20.43
N GLU A 211 12.45 -20.23 -20.77
CA GLU A 211 13.23 -21.41 -21.16
C GLU A 211 13.89 -22.11 -19.97
N HIS A 212 14.18 -21.38 -18.91
CA HIS A 212 14.92 -21.92 -17.76
C HIS A 212 14.23 -21.48 -16.48
N PRO A 213 13.14 -22.12 -16.10
CA PRO A 213 12.41 -21.69 -14.89
C PRO A 213 13.26 -21.90 -13.66
N ASP A 214 13.07 -21.04 -12.67
CA ASP A 214 13.80 -21.15 -11.41
C ASP A 214 12.81 -20.86 -10.28
N ASP A 215 13.32 -20.57 -9.09
CA ASP A 215 12.46 -20.41 -7.92
C ASP A 215 11.97 -18.98 -7.71
N SER A 216 12.31 -18.07 -8.62
CA SER A 216 11.81 -16.70 -8.53
C SER A 216 10.30 -16.68 -8.72
N ALA A 217 9.64 -15.73 -8.05
CA ALA A 217 8.19 -15.69 -8.09
C ALA A 217 7.69 -15.42 -9.51
N ILE A 218 8.35 -14.51 -10.23
CA ILE A 218 7.87 -14.20 -11.57
C ILE A 218 8.03 -15.41 -12.50
N SER A 219 9.06 -16.24 -12.30
CA SER A 219 9.16 -17.47 -13.07
C SER A 219 7.98 -18.39 -12.79
N HIS A 220 7.58 -18.50 -11.53
CA HIS A 220 6.41 -19.29 -11.19
C HIS A 220 5.13 -18.66 -11.73
N TRP A 221 5.07 -17.32 -11.82
CA TRP A 221 3.88 -16.71 -12.44
C TRP A 221 3.77 -17.13 -13.90
N LEU A 222 4.91 -17.26 -14.60
CA LEU A 222 4.89 -17.68 -15.99
C LEU A 222 4.43 -19.13 -16.13
N HIS A 223 4.91 -20.00 -15.23
CA HIS A 223 4.83 -21.45 -15.43
C HIS A 223 3.75 -22.14 -14.62
N ASP A 224 3.42 -21.65 -13.41
CA ASP A 224 2.58 -22.42 -12.51
C ASP A 224 1.21 -22.69 -13.13
N GLY A 225 0.76 -23.94 -13.05
CA GLY A 225 -0.57 -24.27 -13.47
C GLY A 225 -0.80 -24.24 -14.96
N MET A 226 0.25 -24.20 -15.77
CA MET A 226 0.12 -24.12 -17.20
C MET A 226 0.33 -25.49 -17.83
N PRO A 227 -0.24 -25.74 -19.01
CA PRO A 227 0.01 -27.01 -19.71
C PRO A 227 1.49 -27.16 -20.01
N PRO A 228 1.96 -28.37 -20.35
CA PRO A 228 3.40 -28.58 -20.54
C PRO A 228 3.99 -27.70 -21.64
N GLY A 229 5.11 -27.06 -21.33
CA GLY A 229 5.78 -26.20 -22.29
C GLY A 229 5.12 -24.87 -22.58
N GLN A 230 4.04 -24.51 -21.88
CA GLN A 230 3.37 -23.23 -22.06
C GLN A 230 3.68 -22.29 -20.90
N THR A 231 3.65 -20.99 -21.18
CA THR A 231 3.74 -19.98 -20.13
C THR A 231 2.65 -18.94 -20.32
N ARG A 232 2.25 -18.29 -19.22
CA ARG A 232 1.36 -17.14 -19.35
C ARG A 232 2.03 -16.09 -20.22
N ASP A 233 1.26 -15.48 -21.12
CA ASP A 233 1.80 -14.40 -21.95
C ASP A 233 2.28 -13.25 -21.09
N ARG A 234 3.43 -12.68 -21.43
CA ARG A 234 3.97 -11.61 -20.57
C ARG A 234 3.03 -10.41 -20.52
N GLU A 235 2.28 -10.12 -21.61
CA GLU A 235 1.36 -8.99 -21.53
C GLU A 235 0.23 -9.26 -20.53
N TYR A 236 -0.08 -10.53 -20.30
CA TYR A 236 -1.10 -10.92 -19.33
C TYR A 236 -0.61 -10.73 -17.89
N ILE A 237 0.67 -10.92 -17.61
CA ILE A 237 1.16 -10.76 -16.24
C ILE A 237 1.80 -9.40 -15.94
N TYR A 238 2.17 -8.61 -16.95
CA TYR A 238 2.87 -7.35 -16.65
C TYR A 238 2.06 -6.42 -15.75
N PRO A 239 0.75 -6.22 -15.94
CA PRO A 239 0.04 -5.28 -15.07
C PRO A 239 0.09 -5.68 -13.61
N THR A 240 0.03 -6.98 -13.33
CA THR A 240 0.22 -7.42 -11.94
C THR A 240 1.67 -7.27 -11.49
N ILE A 241 2.64 -7.41 -12.39
CA ILE A 241 4.01 -7.02 -12.01
C ILE A 241 4.03 -5.55 -11.59
N TYR A 242 3.34 -4.68 -12.33
CA TYR A 242 3.30 -3.27 -11.96
C TYR A 242 2.61 -3.05 -10.62
N VAL A 243 1.51 -3.78 -10.38
CA VAL A 243 0.85 -3.74 -9.07
C VAL A 243 1.87 -4.03 -7.96
N TYR A 244 2.73 -5.03 -8.17
CA TYR A 244 3.77 -5.33 -7.18
C TYR A 244 4.82 -4.22 -7.11
N LEU A 245 5.27 -3.72 -8.27
CA LEU A 245 6.37 -2.75 -8.26
C LEU A 245 5.94 -1.40 -7.73
N LEU A 246 4.64 -1.18 -7.55
CA LEU A 246 4.16 -0.04 -6.80
C LEU A 246 3.93 -0.47 -5.35
N GLY A 247 2.74 -1.01 -5.06
CA GLY A 247 2.32 -1.19 -3.67
C GLY A 247 3.08 -2.27 -2.90
N ALA A 248 3.35 -3.41 -3.52
CA ALA A 248 4.05 -4.44 -2.75
C ALA A 248 5.46 -3.98 -2.38
N MET A 249 6.13 -3.22 -3.28
CA MET A 249 7.44 -2.68 -2.95
C MET A 249 7.36 -1.57 -1.91
N GLN A 250 6.31 -0.74 -1.98
CA GLN A 250 6.25 0.50 -1.20
C GLN A 250 5.66 0.30 0.19
N GLU A 251 4.60 -0.50 0.31
CA GLU A 251 3.77 -0.49 1.51
C GLU A 251 4.45 -1.06 2.76
N PRO A 252 5.20 -2.17 2.70
CA PRO A 252 5.90 -2.59 3.94
C PRO A 252 6.83 -1.53 4.50
N GLY A 253 7.55 -0.81 3.63
CA GLY A 253 8.37 0.29 4.12
C GLY A 253 7.55 1.41 4.73
N HIS A 254 6.43 1.75 4.09
CA HIS A 254 5.52 2.76 4.65
C HIS A 254 5.01 2.34 6.02
N GLY A 255 4.55 1.09 6.13
CA GLY A 255 4.01 0.60 7.39
C GLY A 255 5.01 0.56 8.52
N MET A 256 6.25 0.14 8.22
CA MET A 256 7.36 0.23 9.19
C MET A 256 7.55 1.65 9.67
N ALA A 257 7.64 2.58 8.73
CA ALA A 257 7.98 3.95 9.07
C ALA A 257 6.86 4.60 9.86
N SER A 258 5.61 4.38 9.43
CA SER A 258 4.49 4.95 10.17
C SER A 258 4.43 4.40 11.58
N THR A 259 4.65 3.09 11.73
CA THR A 259 4.71 2.49 13.06
C THR A 259 5.77 3.16 13.92
N LEU A 260 6.96 3.37 13.36
CA LEU A 260 8.01 4.05 14.13
C LEU A 260 7.61 5.47 14.50
N VAL A 261 7.01 6.23 13.57
CA VAL A 261 6.60 7.60 13.91
C VAL A 261 5.58 7.57 15.05
N GLY A 262 4.62 6.64 15.00
CA GLY A 262 3.64 6.53 16.06
C GLY A 262 4.27 6.18 17.39
N LEU A 263 5.19 5.21 17.39
CA LEU A 263 5.89 4.87 18.62
C LEU A 263 6.67 6.05 19.17
N PHE A 264 7.35 6.81 18.29
CA PHE A 264 8.08 7.98 18.77
C PHE A 264 7.11 8.99 19.40
N SER A 265 5.87 9.06 18.89
CA SER A 265 4.88 9.97 19.48
C SER A 265 4.46 9.52 20.87
N ARG A 266 4.73 8.27 21.24
CA ARG A 266 4.43 7.74 22.57
C ARG A 266 5.72 7.13 23.13
N PRO A 267 6.61 7.97 23.66
CA PRO A 267 7.95 7.48 24.06
C PRO A 267 7.94 6.31 25.03
N GLU A 268 6.96 6.28 25.91
CA GLU A 268 6.82 5.23 26.86
C GLU A 268 6.52 3.91 26.15
N GLN A 269 5.76 3.98 25.09
CA GLN A 269 5.43 2.78 24.33
C GLN A 269 6.60 2.33 23.47
N LEU A 270 7.38 3.27 22.95
CA LEU A 270 8.61 2.90 22.22
C LEU A 270 9.55 2.13 23.12
N GLU A 271 9.76 2.62 24.35
CA GLU A 271 10.62 1.89 25.28
C GLU A 271 10.06 0.49 25.56
N GLU A 272 8.74 0.38 25.72
CA GLU A 272 8.12 -0.92 25.97
C GLU A 272 8.43 -1.92 24.85
N VAL A 273 8.33 -1.46 23.60
CA VAL A 273 8.53 -2.36 22.47
C VAL A 273 10.00 -2.72 22.32
N VAL A 274 10.90 -1.75 22.48
CA VAL A 274 12.33 -2.05 22.46
C VAL A 274 12.67 -3.09 23.51
N ASP A 275 12.13 -2.92 24.73
CA ASP A 275 12.43 -3.85 25.81
C ASP A 275 11.79 -5.22 25.58
N ASP A 276 10.64 -5.26 24.91
CA ASP A 276 9.87 -6.50 24.71
C ASP A 276 9.49 -6.57 23.24
N PRO A 277 10.38 -7.11 22.40
CA PRO A 277 10.08 -7.16 20.95
C PRO A 277 8.92 -8.07 20.60
N THR A 278 8.39 -8.87 21.53
CA THR A 278 7.18 -9.62 21.19
C THR A 278 5.99 -8.71 20.99
N LEU A 279 6.08 -7.43 21.39
CA LEU A 279 5.04 -6.45 21.13
C LEU A 279 5.12 -5.81 19.75
N ILE A 280 6.12 -6.15 18.94
CA ILE A 280 6.25 -5.52 17.63
C ILE A 280 5.04 -5.78 16.74
N PRO A 281 4.52 -7.01 16.62
CA PRO A 281 3.30 -7.20 15.78
C PRO A 281 2.15 -6.32 16.21
N ARG A 282 1.88 -6.19 17.50
CA ARG A 282 0.81 -5.29 17.95
C ARG A 282 1.10 -3.83 17.59
N ALA A 283 2.34 -3.39 17.80
CA ALA A 283 2.72 -2.02 17.43
C ALA A 283 2.49 -1.76 15.95
N ILE A 284 2.75 -2.77 15.11
CA ILE A 284 2.58 -2.62 13.66
C ILE A 284 1.10 -2.57 13.30
N ALA A 285 0.28 -3.43 13.90
CA ALA A 285 -1.16 -3.39 13.61
C ALA A 285 -1.74 -2.02 13.94
N GLU A 286 -1.35 -1.44 15.07
CA GLU A 286 -1.83 -0.11 15.39
C GLU A 286 -1.26 0.92 14.43
N GLY A 287 -0.01 0.74 14.00
CA GLY A 287 0.57 1.66 13.03
C GLY A 287 -0.19 1.67 11.71
N LEU A 288 -0.58 0.49 11.23
CA LEU A 288 -1.36 0.41 9.99
C LEU A 288 -2.72 1.08 10.14
N ARG A 289 -3.39 0.90 11.28
CA ARG A 289 -4.65 1.60 11.50
C ARG A 289 -4.42 3.11 11.57
N TRP A 290 -3.37 3.51 12.26
CA TRP A 290 -3.12 4.92 12.58
C TRP A 290 -2.81 5.73 11.32
N THR A 291 -1.96 5.21 10.44
CA THR A 291 -1.72 5.81 9.13
C THR A 291 -1.66 4.66 8.11
N SER A 292 -2.78 4.40 7.46
CA SER A 292 -2.88 3.22 6.60
C SER A 292 -2.06 3.39 5.33
N PRO A 293 -1.11 2.49 5.05
CA PRO A 293 -0.25 2.70 3.87
C PRO A 293 -1.05 2.75 2.58
N ILE A 294 -1.98 1.82 2.37
CA ILE A 294 -2.91 1.95 1.26
C ILE A 294 -4.13 2.67 1.81
N TRP A 295 -4.21 3.97 1.50
CA TRP A 295 -5.12 4.88 2.17
C TRP A 295 -6.41 5.04 1.40
N SER A 296 -6.32 5.23 0.08
CA SER A 296 -7.50 5.28 -0.78
C SER A 296 -7.11 4.90 -2.20
N ALA A 297 -6.52 3.72 -2.39
CA ALA A 297 -6.00 3.36 -3.70
C ALA A 297 -6.95 2.52 -4.54
N THR A 298 -7.89 1.80 -3.93
CA THR A 298 -8.71 0.84 -4.66
C THR A 298 -10.17 1.26 -4.62
N ALA A 299 -10.98 0.54 -5.41
CA ALA A 299 -12.35 0.92 -5.67
C ALA A 299 -13.14 -0.33 -6.00
N ARG A 300 -14.46 -0.22 -5.94
CA ARG A 300 -15.37 -1.24 -6.47
C ARG A 300 -16.39 -0.51 -7.33
N ILE A 301 -17.11 -1.25 -8.16
CA ILE A 301 -18.12 -0.68 -9.04
C ILE A 301 -19.39 -1.49 -8.87
N SER A 302 -20.54 -0.81 -8.80
CA SER A 302 -21.79 -1.53 -8.65
C SER A 302 -22.11 -2.26 -9.95
N THR A 303 -22.70 -3.46 -9.81
CA THR A 303 -23.09 -4.23 -10.99
C THR A 303 -24.58 -4.24 -11.21
N LYS A 304 -25.33 -3.64 -10.30
CA LYS A 304 -26.77 -3.44 -10.41
C LYS A 304 -27.12 -2.24 -9.55
N PRO A 305 -28.34 -1.70 -9.67
CA PRO A 305 -28.72 -0.56 -8.80
C PRO A 305 -28.68 -0.99 -7.35
N VAL A 306 -28.16 -0.12 -6.50
CA VAL A 306 -27.97 -0.43 -5.07
C VAL A 306 -28.17 0.85 -4.28
N THR A 307 -28.55 0.67 -3.02
CA THR A 307 -28.64 1.77 -2.06
C THR A 307 -27.57 1.56 -0.99
N ILE A 308 -26.67 2.52 -0.87
CA ILE A 308 -25.57 2.46 0.10
C ILE A 308 -25.59 3.76 0.89
N ALA A 309 -25.64 3.65 2.22
CA ALA A 309 -25.62 4.82 3.11
C ALA A 309 -26.66 5.85 2.68
N GLY A 310 -27.84 5.37 2.32
CA GLY A 310 -28.91 6.24 1.89
C GLY A 310 -28.80 6.80 0.49
N VAL A 311 -27.77 6.43 -0.28
CA VAL A 311 -27.60 6.93 -1.63
C VAL A 311 -28.03 5.85 -2.62
N ASP A 312 -28.97 6.18 -3.50
CA ASP A 312 -29.37 5.25 -4.56
C ASP A 312 -28.35 5.35 -5.69
N LEU A 313 -27.54 4.28 -5.90
CA LEU A 313 -26.56 4.28 -6.99
C LEU A 313 -27.09 3.51 -8.18
N PRO A 314 -26.97 4.01 -9.40
CA PRO A 314 -27.25 3.18 -10.56
C PRO A 314 -26.18 2.10 -10.70
N ALA A 315 -26.48 1.09 -11.53
CA ALA A 315 -25.46 0.14 -11.93
C ALA A 315 -24.30 0.88 -12.58
N GLY A 316 -23.11 0.30 -12.49
CA GLY A 316 -21.95 0.94 -13.07
C GLY A 316 -21.40 2.12 -12.32
N THR A 317 -21.64 2.23 -11.00
CA THR A 317 -21.13 3.37 -10.23
C THR A 317 -19.85 2.98 -9.50
N PRO A 318 -18.72 3.64 -9.77
CA PRO A 318 -17.51 3.38 -8.99
C PRO A 318 -17.58 3.99 -7.61
N VAL A 319 -16.98 3.30 -6.64
CA VAL A 319 -16.88 3.79 -5.27
C VAL A 319 -15.45 3.58 -4.82
N MET A 320 -14.75 4.68 -4.49
CA MET A 320 -13.40 4.58 -3.94
C MET A 320 -13.46 4.19 -2.47
N LEU A 321 -12.57 3.28 -2.07
CA LEU A 321 -12.57 2.72 -0.73
C LEU A 321 -11.46 3.40 0.07
N SER A 322 -11.82 4.43 0.82
CA SER A 322 -10.80 5.19 1.56
C SER A 322 -10.58 4.54 2.92
N TYR A 323 -9.91 3.37 2.86
CA TYR A 323 -9.65 2.60 4.06
C TYR A 323 -8.88 3.38 5.12
N GLY A 324 -8.00 4.31 4.70
CA GLY A 324 -7.29 5.11 5.69
C GLY A 324 -8.22 5.96 6.55
N SER A 325 -9.32 6.45 5.95
CA SER A 325 -10.33 7.17 6.74
C SER A 325 -11.13 6.21 7.60
N ALA A 326 -11.52 5.07 7.03
CA ALA A 326 -12.29 4.09 7.78
C ALA A 326 -11.55 3.66 9.04
N ASN A 327 -10.22 3.68 9.01
CA ASN A 327 -9.45 3.27 10.17
C ASN A 327 -9.35 4.37 11.22
N HIS A 328 -9.94 5.55 10.97
CA HIS A 328 -10.14 6.56 11.99
C HIS A 328 -11.62 6.74 12.33
N ASP A 329 -12.44 5.76 11.98
CA ASP A 329 -13.87 5.81 12.28
C ASP A 329 -14.10 5.85 13.79
N THR A 330 -14.64 6.96 14.30
CA THR A 330 -14.86 7.09 15.73
C THR A 330 -16.08 6.32 16.22
N GLY A 331 -16.85 5.74 15.32
CA GLY A 331 -17.76 4.68 15.71
C GLY A 331 -17.04 3.46 16.20
N LYS A 332 -15.78 3.28 15.82
CA LYS A 332 -14.98 2.13 16.21
C LYS A 332 -13.91 2.45 17.23
N TYR A 333 -13.25 3.60 17.09
CA TYR A 333 -12.03 3.90 17.83
C TYR A 333 -12.19 5.20 18.61
N GLU A 334 -11.61 5.21 19.82
CA GLU A 334 -11.53 6.43 20.61
C GLU A 334 -10.24 7.17 20.27
N ALA A 335 -10.34 8.47 20.01
CA ALA A 335 -9.22 9.33 19.65
C ALA A 335 -8.34 8.66 18.59
N PRO A 336 -8.87 8.39 17.40
CA PRO A 336 -8.11 7.58 16.43
C PRO A 336 -6.88 8.29 15.87
N SER A 337 -6.78 9.62 15.98
CA SER A 337 -5.57 10.27 15.50
C SER A 337 -4.39 10.09 16.45
N GLN A 338 -4.62 9.50 17.62
CA GLN A 338 -3.53 9.18 18.54
C GLN A 338 -3.06 7.76 18.30
N TYR A 339 -1.75 7.59 18.14
CA TYR A 339 -1.18 6.25 18.13
C TYR A 339 -1.25 5.71 19.55
N ASP A 340 -1.76 4.48 19.70
CA ASP A 340 -1.81 3.87 21.04
C ASP A 340 -1.63 2.37 20.89
N LEU A 341 -0.41 1.91 21.21
CA LEU A 341 -0.07 0.49 21.24
C LEU A 341 -1.07 -0.34 22.05
N HIS A 342 -1.63 0.24 23.11
CA HIS A 342 -2.45 -0.52 24.05
C HIS A 342 -3.94 -0.46 23.72
N ARG A 343 -4.29 0.11 22.56
CA ARG A 343 -5.61 -0.08 22.00
C ARG A 343 -5.94 -1.57 21.94
N PRO A 344 -7.16 -1.99 22.26
CA PRO A 344 -7.53 -3.40 22.11
C PRO A 344 -7.42 -3.84 20.66
N PRO A 345 -6.96 -5.08 20.41
CA PRO A 345 -6.77 -5.53 19.03
C PRO A 345 -8.08 -5.78 18.29
N LEU A 346 -8.62 -4.74 17.66
CA LEU A 346 -9.90 -4.74 16.96
C LEU A 346 -9.69 -4.94 15.47
N PRO A 347 -10.71 -5.37 14.74
CA PRO A 347 -10.58 -5.46 13.28
C PRO A 347 -10.22 -4.11 12.69
N HIS A 348 -9.46 -4.14 11.59
CA HIS A 348 -9.14 -2.91 10.88
C HIS A 348 -9.20 -3.21 9.39
N LEU A 349 -9.16 -2.16 8.58
CA LEU A 349 -9.32 -2.29 7.13
C LEU A 349 -8.05 -1.94 6.37
N ALA A 350 -6.88 -1.92 7.03
CA ALA A 350 -5.66 -1.56 6.33
C ALA A 350 -5.29 -2.59 5.26
N PHE A 351 -5.84 -3.80 5.31
CA PHE A 351 -5.61 -4.77 4.26
C PHE A 351 -6.84 -4.97 3.39
N GLY A 352 -7.84 -4.09 3.49
CA GLY A 352 -9.02 -4.26 2.66
C GLY A 352 -9.92 -5.39 3.17
N ALA A 353 -10.78 -5.87 2.29
CA ALA A 353 -11.80 -6.85 2.67
C ALA A 353 -12.37 -7.48 1.40
N GLY A 354 -13.03 -8.62 1.57
CA GLY A 354 -13.72 -9.25 0.46
C GLY A 354 -12.78 -10.05 -0.42
N ASN A 355 -13.29 -10.42 -1.61
CA ASN A 355 -12.55 -11.25 -2.54
C ASN A 355 -11.30 -10.57 -3.10
N HIS A 356 -11.22 -9.25 -3.01
CA HIS A 356 -10.05 -8.51 -3.46
C HIS A 356 -9.21 -7.97 -2.31
N ALA A 357 -9.43 -8.48 -1.10
CA ALA A 357 -8.57 -8.14 0.03
C ALA A 357 -7.11 -8.45 -0.29
N CYS A 358 -6.21 -7.77 0.44
CA CYS A 358 -4.78 -8.02 0.30
C CYS A 358 -4.44 -9.51 0.30
N ALA A 359 -3.67 -9.94 -0.72
CA ALA A 359 -3.20 -11.33 -0.81
C ALA A 359 -1.90 -11.58 -0.06
N GLY A 360 -1.19 -10.52 0.35
CA GLY A 360 0.15 -10.66 0.94
C GLY A 360 0.24 -10.28 2.42
N ILE A 361 -0.88 -10.35 3.15
CA ILE A 361 -0.91 -9.87 4.54
C ILE A 361 0.16 -10.54 5.39
N TYR A 362 0.16 -11.87 5.40
CA TYR A 362 1.06 -12.65 6.26
C TYR A 362 2.51 -12.35 5.94
N PHE A 363 2.85 -12.35 4.65
CA PHE A 363 4.18 -11.96 4.21
C PHE A 363 4.52 -10.54 4.67
N ALA A 364 3.62 -9.59 4.42
CA ALA A 364 3.92 -8.19 4.70
C ALA A 364 4.13 -7.98 6.20
N ASN A 365 3.31 -8.64 7.02
CA ASN A 365 3.45 -8.49 8.47
C ASN A 365 4.80 -9.00 8.95
N HIS A 366 5.28 -10.08 8.36
CA HIS A 366 6.56 -10.62 8.77
C HIS A 366 7.73 -9.73 8.31
N VAL A 367 7.65 -9.18 7.09
CA VAL A 367 8.70 -8.28 6.63
C VAL A 367 8.83 -7.10 7.59
N MET A 368 7.72 -6.51 7.95
CA MET A 368 7.72 -5.39 8.84
C MET A 368 8.23 -5.77 10.21
N ARG A 369 7.75 -6.87 10.75
CA ARG A 369 8.19 -7.35 12.06
C ARG A 369 9.69 -7.56 12.11
N ILE A 370 10.24 -8.28 11.13
CA ILE A 370 11.67 -8.59 11.18
C ILE A 370 12.49 -7.31 11.08
N ALA A 371 12.07 -6.39 10.20
CA ALA A 371 12.81 -5.13 10.05
C ALA A 371 12.85 -4.36 11.35
N LEU A 372 11.72 -4.30 12.06
CA LEU A 372 11.72 -3.56 13.32
C LEU A 372 12.50 -4.30 14.40
N GLU A 373 12.41 -5.64 14.43
CA GLU A 373 13.21 -6.39 15.38
C GLU A 373 14.69 -6.08 15.22
N GLU A 374 15.18 -6.10 13.98
CA GLU A 374 16.62 -5.92 13.78
C GLU A 374 17.04 -4.48 14.10
N LEU A 375 16.18 -3.51 13.80
CA LEU A 375 16.53 -2.11 14.05
C LEU A 375 16.64 -1.84 15.54
N PHE A 376 15.68 -2.33 16.32
CA PHE A 376 15.73 -2.11 17.78
C PHE A 376 16.86 -2.88 18.43
N GLU A 377 17.19 -4.05 17.90
CA GLU A 377 18.33 -4.77 18.48
C GLU A 377 19.62 -4.04 18.18
N ALA A 378 19.74 -3.45 16.99
CA ALA A 378 20.95 -2.76 16.59
C ALA A 378 21.06 -1.39 17.23
N ILE A 379 19.94 -0.69 17.40
CA ILE A 379 19.95 0.66 17.96
C ILE A 379 18.90 0.78 19.05
N PRO A 380 19.11 0.18 20.23
CA PRO A 380 18.05 0.22 21.26
C PRO A 380 17.79 1.61 21.81
N ASN A 381 18.74 2.54 21.73
CA ASN A 381 18.54 3.90 22.20
C ASN A 381 18.10 4.84 21.08
N LEU A 382 17.49 4.31 20.04
CA LEU A 382 16.97 5.12 18.95
C LEU A 382 16.02 6.20 19.47
N GLU A 383 16.17 7.41 18.97
CA GLU A 383 15.32 8.55 19.33
C GLU A 383 14.99 9.36 18.09
N ARG A 384 13.83 9.97 18.04
CA ARG A 384 13.53 10.84 16.91
C ARG A 384 14.33 12.12 17.02
N ASP A 385 14.72 12.64 15.87
CA ASP A 385 15.44 13.91 15.80
C ASP A 385 14.40 15.03 15.83
N THR A 386 14.16 15.59 17.03
CA THR A 386 13.08 16.57 17.17
C THR A 386 13.42 17.92 16.53
N ARG A 387 14.65 18.14 16.10
CA ARG A 387 14.95 19.30 15.28
C ARG A 387 14.29 19.21 13.92
N GLU A 388 13.84 18.01 13.53
CA GLU A 388 13.21 17.74 12.25
C GLU A 388 11.73 17.47 12.45
N GLY A 389 10.92 17.95 11.55
CA GLY A 389 9.53 17.58 11.52
C GLY A 389 9.33 16.33 10.67
N VAL A 390 8.28 15.57 10.97
CA VAL A 390 7.89 14.47 10.11
C VAL A 390 6.64 14.91 9.35
N GLU A 391 6.74 14.94 8.03
CA GLU A 391 5.56 15.19 7.21
C GLU A 391 5.14 13.90 6.54
N PHE A 392 3.83 13.66 6.54
CA PHE A 392 3.20 12.56 5.84
C PHE A 392 2.65 13.11 4.54
N TRP A 393 2.69 12.28 3.50
CA TRP A 393 2.19 12.71 2.20
C TRP A 393 1.43 11.55 1.56
N GLY A 394 0.37 11.91 0.85
CA GLY A 394 -0.33 10.89 0.09
C GLY A 394 -1.80 10.75 0.46
N TRP A 395 -2.63 10.71 -0.57
CA TRP A 395 -4.04 10.36 -0.46
C TRP A 395 -4.29 8.91 -0.87
N GLY A 396 -3.74 8.51 -2.02
CA GLY A 396 -3.91 7.14 -2.46
C GLY A 396 -3.11 6.18 -1.60
N PHE A 397 -1.79 6.41 -1.54
CA PHE A 397 -0.87 5.73 -0.66
C PHE A 397 -0.27 6.79 0.27
N ARG A 398 -0.19 6.50 1.56
CA ARG A 398 0.24 7.51 2.52
C ARG A 398 1.35 6.97 3.41
N GLY A 399 2.35 7.81 3.65
CA GLY A 399 3.42 7.50 4.58
C GLY A 399 4.27 8.72 4.83
N PRO A 400 5.24 8.60 5.75
CA PRO A 400 6.12 9.73 6.04
C PRO A 400 7.18 9.86 4.95
N THR A 401 7.48 11.11 4.58
CA THR A 401 8.45 11.31 3.51
C THR A 401 9.88 11.22 4.01
N SER A 402 10.10 11.34 5.32
CA SER A 402 11.40 11.12 5.93
C SER A 402 11.17 10.83 7.41
N LEU A 403 12.18 10.24 8.04
CA LEU A 403 12.13 9.93 9.47
C LEU A 403 13.55 10.10 10.02
N HIS A 404 13.90 11.34 10.36
CA HIS A 404 15.23 11.61 10.90
C HIS A 404 15.28 11.16 12.35
N VAL A 405 16.32 10.38 12.70
CA VAL A 405 16.50 9.86 14.04
C VAL A 405 17.93 10.13 14.51
N THR A 406 18.15 9.90 15.80
CA THR A 406 19.43 10.12 16.43
C THR A 406 19.63 9.08 17.52
N TRP A 407 20.88 8.88 17.91
CA TRP A 407 21.15 8.01 19.03
C TRP A 407 22.57 8.27 19.50
N GLU A 408 22.78 8.10 20.80
CA GLU A 408 24.11 8.33 21.35
C GLU A 408 24.99 7.14 21.02
N VAL A 409 26.15 7.43 20.43
CA VAL A 409 27.00 6.41 19.84
C VAL A 409 28.31 6.30 20.63
#